data_8ZR7
#
_entry.id   8ZR7
#
_cell.length_a   119.230
_cell.length_b   119.230
_cell.length_c   90.589
_cell.angle_alpha   90.00
_cell.angle_beta   90.00
_cell.angle_gamma   120.00
#
_symmetry.space_group_name_H-M   'P 65'
#
loop_
_entity.id
_entity.type
_entity.pdbx_description
1 polymer 'Caseinolytic peptidase B protein homolog'
2 non-polymer 'PHOSPHATE ION'
3 water water
#
_entity_poly.entity_id   1
_entity_poly.type   'polypeptide(L)'
_entity_poly.pdbx_seq_one_letter_code
;DKAEAFLEAARSNDTEEIRRLLSEGLDPNTRHRLGWTALMVAAMNTQHNVVKLLLDAGADPNLGDGFSSVYDTAREKSLH
SLEVLVSREDEFSSRLSSRASFRGCSALHYAALADDLQTVRLLLDAGADPSLKNDLGHTPLSYARDGELSAVLRDAQDTF
AEAQRKREAEERRKFPLERRLKEHIIGQEGAINTVASAIRRKENGWYDEEHPLVFLFLGSSGIGKTELAKQVARYMHKDI
KKGFIRMDMSEFQEKHEVAKFIGSPPGYVGHDEGGQLTKQLKQSPSAVVLFDEVEKAHPDVLTVMLQLFDEGRLTDGKGK
TIECKDAIFIMTSNAASDEIAQHALQLRQEAQEQSRRRLAENLDDVQKSENITISNTFKEQVIRPILKAHFRRDEFLGRI
NEIVYFLPFCHSELLQLVSRELHYWAKKAKQRHNITLLWERPVLELLVKGYNLHYGARSIKHEVERRVVNQLAAAFEQEL
LPKGCTLRLTVDRDSQHTDGAPVLRLELLQEDKTSRKLEIQPPLNPQDTAHTPRKH
;
_entity_poly.pdbx_strand_id   A
#
loop_
_chem_comp.id
_chem_comp.type
_chem_comp.name
_chem_comp.formula
PO4 non-polymer 'PHOSPHATE ION' 'O4 P -3'
#
# COMPACT_ATOMS: atom_id res chain seq x y z
N LYS A 2 3.44 -5.51 -40.92
CA LYS A 2 4.19 -6.52 -40.19
C LYS A 2 5.54 -5.97 -39.67
N ALA A 3 5.62 -5.73 -38.35
CA ALA A 3 6.84 -5.21 -37.75
C ALA A 3 7.76 -6.35 -37.34
N GLU A 4 7.59 -7.49 -38.00
CA GLU A 4 8.52 -8.60 -37.91
C GLU A 4 9.91 -8.05 -38.21
N ALA A 5 9.95 -7.16 -39.20
CA ALA A 5 11.16 -6.48 -39.63
C ALA A 5 11.89 -5.78 -38.49
N PHE A 6 11.13 -5.16 -37.58
CA PHE A 6 11.73 -4.38 -36.51
C PHE A 6 12.63 -5.23 -35.62
N LEU A 7 12.10 -6.35 -35.16
CA LEU A 7 12.85 -7.24 -34.28
C LEU A 7 13.86 -8.08 -35.06
N GLU A 8 13.57 -8.33 -36.33
CA GLU A 8 14.54 -9.02 -37.18
C GLU A 8 15.78 -8.16 -37.33
N ALA A 9 15.59 -6.84 -37.39
CA ALA A 9 16.71 -5.91 -37.46
C ALA A 9 17.36 -5.76 -36.09
N ALA A 10 16.53 -5.75 -35.05
CA ALA A 10 17.00 -5.60 -33.68
C ALA A 10 17.90 -6.76 -33.27
N ARG A 11 17.67 -7.92 -33.87
CA ARG A 11 18.45 -9.11 -33.57
C ARG A 11 19.81 -9.08 -34.26
N SER A 12 19.82 -8.64 -35.52
CA SER A 12 21.02 -8.68 -36.35
C SER A 12 21.77 -7.36 -36.36
N ASN A 13 21.33 -6.42 -35.52
CA ASN A 13 21.95 -5.11 -35.37
C ASN A 13 21.92 -4.29 -36.66
N ASP A 14 20.83 -4.43 -37.42
CA ASP A 14 20.61 -3.64 -38.62
C ASP A 14 20.13 -2.24 -38.24
N THR A 15 21.06 -1.42 -37.76
CA THR A 15 20.75 -0.14 -37.14
C THR A 15 19.90 0.81 -37.98
N GLU A 16 20.21 0.94 -39.26
CA GLU A 16 19.55 1.92 -40.12
C GLU A 16 18.05 1.61 -40.29
N GLU A 17 17.72 0.33 -40.37
CA GLU A 17 16.32 -0.08 -40.50
C GLU A 17 15.54 0.16 -39.20
N ILE A 18 16.21 -0.10 -38.09
CA ILE A 18 15.74 0.31 -36.79
C ILE A 18 15.45 1.80 -36.82
N ARG A 19 16.38 2.65 -37.30
CA ARG A 19 16.20 4.09 -37.26
C ARG A 19 15.01 4.54 -38.14
N ARG A 20 14.95 4.01 -39.36
CA ARG A 20 13.85 4.32 -40.29
C ARG A 20 12.50 3.98 -39.67
N LEU A 21 12.37 2.72 -39.21
CA LEU A 21 11.07 2.28 -38.63
C LEU A 21 10.76 3.10 -37.38
N LEU A 22 11.79 3.49 -36.62
CA LEU A 22 11.56 4.36 -35.44
C LEU A 22 10.88 5.66 -35.88
N SER A 23 11.41 6.30 -36.94
CA SER A 23 10.83 7.57 -37.41
C SER A 23 9.35 7.37 -37.78
N GLU A 24 8.97 6.17 -38.20
CA GLU A 24 7.58 5.90 -38.61
C GLU A 24 6.60 5.72 -37.45
N GLY A 25 7.08 5.92 -36.23
CA GLY A 25 6.23 5.83 -35.06
C GLY A 25 6.26 4.46 -34.40
N LEU A 26 6.94 3.52 -35.04
CA LEU A 26 7.01 2.15 -34.52
C LEU A 26 7.60 2.12 -33.12
N ASP A 27 6.77 1.66 -32.18
CA ASP A 27 7.10 1.62 -30.76
C ASP A 27 8.41 0.87 -30.48
N PRO A 28 9.36 1.55 -29.80
CA PRO A 28 10.61 0.92 -29.37
C PRO A 28 10.41 -0.23 -28.38
N ASN A 29 9.26 -0.25 -27.71
CA ASN A 29 8.95 -1.30 -26.76
C ASN A 29 8.09 -2.41 -27.36
N THR A 30 8.27 -2.67 -28.65
CA THR A 30 7.49 -3.69 -29.35
C THR A 30 8.06 -5.09 -29.14
N ARG A 31 7.19 -6.09 -29.19
CA ARG A 31 7.57 -7.47 -28.91
C ARG A 31 7.43 -8.41 -30.11
N HIS A 32 8.04 -9.58 -29.97
CA HIS A 32 7.89 -10.67 -30.92
C HIS A 32 6.49 -11.27 -30.77
N ARG A 33 6.11 -12.14 -31.72
CA ARG A 33 4.82 -12.81 -31.63
C ARG A 33 4.81 -13.77 -30.42
N LEU A 34 5.99 -14.12 -29.94
CA LEU A 34 6.12 -15.04 -28.82
C LEU A 34 6.53 -14.33 -27.53
N GLY A 35 6.69 -13.00 -27.60
CA GLY A 35 6.67 -12.19 -26.40
C GLY A 35 7.94 -11.52 -25.90
N TRP A 36 8.96 -11.38 -26.73
CA TRP A 36 10.17 -10.71 -26.29
C TRP A 36 10.37 -9.37 -27.01
N THR A 37 10.71 -8.34 -26.24
CA THR A 37 10.90 -7.00 -26.79
C THR A 37 12.15 -6.95 -27.67
N ALA A 38 12.21 -5.97 -28.57
CA ALA A 38 13.36 -5.79 -29.45
C ALA A 38 14.63 -5.59 -28.64
N LEU A 39 14.48 -4.86 -27.53
CA LEU A 39 15.60 -4.60 -26.62
C LEU A 39 16.12 -5.91 -26.01
N MET A 40 15.24 -6.89 -25.88
CA MET A 40 15.63 -8.18 -25.30
C MET A 40 16.54 -8.98 -26.24
N VAL A 41 16.14 -9.12 -27.50
CA VAL A 41 16.97 -9.82 -28.48
C VAL A 41 18.26 -9.05 -28.71
N ALA A 42 18.14 -7.73 -28.79
CA ALA A 42 19.27 -6.86 -29.01
C ALA A 42 20.30 -7.02 -27.89
N ALA A 43 19.83 -7.07 -26.66
CA ALA A 43 20.72 -7.21 -25.51
C ALA A 43 21.27 -8.63 -25.41
N MET A 44 20.47 -9.60 -25.87
CA MET A 44 20.87 -10.99 -25.79
C MET A 44 21.98 -11.31 -26.79
N ASN A 45 21.85 -10.77 -27.99
CA ASN A 45 22.85 -11.01 -29.04
C ASN A 45 23.93 -9.94 -29.03
N THR A 46 23.97 -9.18 -27.94
CA THR A 46 25.02 -8.17 -27.70
C THR A 46 25.14 -7.17 -28.84
N GLN A 47 24.01 -6.72 -29.36
CA GLN A 47 24.00 -5.69 -30.39
C GLN A 47 23.95 -4.31 -29.74
N HIS A 48 25.11 -3.85 -29.28
CA HIS A 48 25.20 -2.63 -28.47
C HIS A 48 24.67 -1.39 -29.19
N ASN A 49 24.83 -1.36 -30.51
CA ASN A 49 24.35 -0.25 -31.32
C ASN A 49 22.84 -0.05 -31.20
N VAL A 50 22.07 -1.05 -31.61
CA VAL A 50 20.61 -0.98 -31.57
C VAL A 50 20.12 -0.93 -30.13
N VAL A 51 20.91 -1.45 -29.19
CA VAL A 51 20.57 -1.37 -27.79
C VAL A 51 20.58 0.08 -27.33
N LYS A 52 21.69 0.78 -27.56
CA LYS A 52 21.79 2.19 -27.21
C LYS A 52 20.72 2.98 -27.95
N LEU A 53 20.54 2.63 -29.21
CA LEU A 53 19.55 3.27 -30.07
C LEU A 53 18.17 3.23 -29.42
N LEU A 54 17.69 2.04 -29.08
CA LEU A 54 16.40 1.89 -28.44
C LEU A 54 16.37 2.59 -27.08
N LEU A 55 17.45 2.46 -26.33
CA LEU A 55 17.50 3.00 -24.97
C LEU A 55 17.37 4.52 -24.90
N ASP A 56 18.07 5.23 -25.78
CA ASP A 56 17.96 6.68 -25.79
C ASP A 56 16.68 7.11 -26.52
N ALA A 57 16.15 6.20 -27.35
CA ALA A 57 14.90 6.47 -28.06
C ALA A 57 13.70 6.32 -27.13
N GLY A 58 13.97 5.97 -25.87
CA GLY A 58 12.93 5.92 -24.86
C GLY A 58 12.35 4.55 -24.60
N ALA A 59 13.05 3.51 -25.04
CA ALA A 59 12.58 2.13 -24.81
C ALA A 59 12.80 1.72 -23.36
N ASP A 60 11.77 1.13 -22.76
CA ASP A 60 11.80 0.72 -21.36
C ASP A 60 12.53 -0.61 -21.18
N PRO A 61 13.62 -0.61 -20.40
CA PRO A 61 14.43 -1.81 -20.18
C PRO A 61 13.79 -2.84 -19.23
N ASN A 62 13.08 -2.36 -18.22
CA ASN A 62 12.57 -3.23 -17.16
C ASN A 62 11.30 -3.99 -17.54
N LEU A 63 11.01 -4.05 -18.83
CA LEU A 63 9.91 -4.88 -19.33
C LEU A 63 10.26 -6.35 -19.15
N GLY A 64 9.24 -7.21 -19.13
CA GLY A 64 9.45 -8.63 -18.93
C GLY A 64 9.05 -9.49 -20.12
N ASP A 65 9.81 -10.56 -20.36
CA ASP A 65 9.59 -11.42 -21.52
C ASP A 65 8.23 -12.12 -21.46
N GLY A 66 7.53 -12.14 -22.58
CA GLY A 66 6.26 -12.83 -22.68
C GLY A 66 6.47 -14.31 -22.90
N PHE A 67 7.63 -14.70 -23.40
CA PHE A 67 7.97 -16.11 -23.54
C PHE A 67 8.18 -16.77 -22.17
N SER A 68 7.73 -18.02 -22.02
CA SER A 68 7.95 -18.76 -20.78
C SER A 68 8.91 -19.94 -20.99
N SER A 69 8.41 -21.02 -21.55
CA SER A 69 9.26 -22.12 -22.00
C SER A 69 8.81 -22.53 -23.39
N VAL A 70 9.59 -23.35 -24.07
CA VAL A 70 9.20 -23.85 -25.38
C VAL A 70 7.88 -24.61 -25.27
N TYR A 71 7.79 -25.45 -24.25
CA TYR A 71 6.60 -26.26 -23.99
C TYR A 71 5.38 -25.41 -23.64
N ASP A 72 5.52 -24.60 -22.60
CA ASP A 72 4.42 -23.75 -22.12
C ASP A 72 3.90 -22.84 -23.22
N THR A 73 4.80 -22.12 -23.88
CA THR A 73 4.41 -21.22 -24.96
C THR A 73 3.85 -22.01 -26.14
N ALA A 74 4.30 -23.25 -26.30
CA ALA A 74 3.71 -24.12 -27.31
C ALA A 74 2.25 -24.41 -26.97
N ARG A 75 1.93 -24.41 -25.68
CA ARG A 75 0.55 -24.64 -25.27
C ARG A 75 -0.33 -23.38 -25.30
N GLU A 76 0.18 -22.27 -24.78
CA GLU A 76 -0.57 -21.02 -24.72
C GLU A 76 -1.06 -20.60 -26.11
N LYS A 77 -0.28 -20.92 -27.13
CA LYS A 77 -0.62 -20.59 -28.50
C LYS A 77 -1.01 -21.84 -29.28
N SER A 78 -1.04 -22.98 -28.58
CA SER A 78 -1.47 -24.27 -29.12
C SER A 78 -0.78 -24.63 -30.43
N LEU A 79 0.54 -24.71 -30.39
CA LEU A 79 1.34 -25.04 -31.56
C LEU A 79 2.16 -26.30 -31.32
N HIS A 80 2.69 -26.87 -32.40
CA HIS A 80 3.66 -27.95 -32.26
C HIS A 80 4.92 -27.38 -31.63
N SER A 81 5.58 -28.16 -30.78
CA SER A 81 6.74 -27.68 -30.04
C SER A 81 7.92 -27.34 -30.95
N LEU A 82 7.99 -28.02 -32.10
CA LEU A 82 9.06 -27.81 -33.07
C LEU A 82 9.09 -26.37 -33.57
N GLU A 83 7.90 -25.86 -33.94
CA GLU A 83 7.75 -24.48 -34.39
C GLU A 83 8.32 -23.49 -33.37
N VAL A 84 7.89 -23.65 -32.13
CA VAL A 84 8.31 -22.77 -31.05
C VAL A 84 9.82 -22.85 -30.83
N LEU A 85 10.35 -24.07 -30.82
CA LEU A 85 11.78 -24.29 -30.63
C LEU A 85 12.60 -23.60 -31.71
N VAL A 86 12.27 -23.89 -32.96
CA VAL A 86 12.94 -23.29 -34.11
C VAL A 86 12.88 -21.77 -34.04
N SER A 87 11.70 -21.25 -33.70
CA SER A 87 11.51 -19.81 -33.58
C SER A 87 12.44 -19.19 -32.52
N ARG A 88 12.30 -19.65 -31.29
CA ARG A 88 13.06 -19.09 -30.16
C ARG A 88 14.57 -19.26 -30.35
N GLU A 89 14.99 -20.36 -30.98
CA GLU A 89 16.42 -20.63 -31.11
C GLU A 89 17.03 -19.91 -32.31
N ASP A 90 16.23 -19.65 -33.34
CA ASP A 90 16.71 -18.90 -34.49
C ASP A 90 16.54 -17.39 -34.30
N GLU A 91 15.35 -16.99 -33.87
CA GLU A 91 14.98 -15.58 -33.86
C GLU A 91 15.32 -14.87 -32.56
N PHE A 92 15.77 -15.61 -31.56
CA PHE A 92 16.15 -15.00 -30.29
C PHE A 92 17.58 -15.34 -29.90
N SER A 93 17.80 -16.58 -29.47
CA SER A 93 19.13 -17.03 -29.08
C SER A 93 19.26 -18.54 -29.09
N SER A 94 20.49 -19.03 -29.22
CA SER A 94 20.74 -20.46 -29.22
C SER A 94 21.61 -20.85 -28.03
N ARG A 95 21.87 -19.87 -27.16
CA ARG A 95 22.80 -20.04 -26.06
C ARG A 95 22.11 -20.36 -24.73
N LEU A 96 20.79 -20.48 -24.76
CA LEU A 96 20.03 -20.66 -23.52
C LEU A 96 19.62 -22.11 -23.30
N SER A 97 19.92 -22.61 -22.10
CA SER A 97 19.79 -24.04 -21.81
C SER A 97 18.60 -24.40 -20.92
N SER A 98 18.05 -23.41 -20.21
CA SER A 98 16.97 -23.66 -19.27
C SER A 98 15.71 -24.18 -19.95
N ARG A 99 15.22 -25.32 -19.47
CA ARG A 99 13.89 -25.79 -19.85
C ARG A 99 12.88 -25.22 -18.85
N ALA A 100 13.40 -24.42 -17.93
CA ALA A 100 12.56 -23.64 -17.03
C ALA A 100 12.02 -22.42 -17.78
N SER A 101 11.10 -21.70 -17.17
CA SER A 101 10.43 -20.59 -17.83
C SER A 101 11.31 -19.35 -17.91
N PHE A 102 11.11 -18.55 -18.95
CA PHE A 102 11.83 -17.30 -19.14
C PHE A 102 10.90 -16.10 -18.97
N ARG A 103 9.66 -16.37 -18.60
CA ARG A 103 8.64 -15.33 -18.49
C ARG A 103 8.97 -14.33 -17.39
N GLY A 104 9.14 -13.06 -17.78
CA GLY A 104 9.41 -12.00 -16.83
C GLY A 104 10.87 -11.57 -16.79
N CYS A 105 11.65 -12.01 -17.77
CA CYS A 105 13.05 -11.62 -17.84
C CYS A 105 13.21 -10.26 -18.51
N SER A 106 13.87 -9.34 -17.81
CA SER A 106 14.21 -8.06 -18.40
C SER A 106 15.40 -8.23 -19.34
N ALA A 107 15.70 -7.20 -20.11
CA ALA A 107 16.86 -7.23 -20.99
C ALA A 107 18.15 -7.33 -20.19
N LEU A 108 18.07 -6.97 -18.91
CA LEU A 108 19.21 -7.06 -18.02
C LEU A 108 19.49 -8.50 -17.61
N HIS A 109 18.42 -9.27 -17.41
CA HIS A 109 18.55 -10.71 -17.17
C HIS A 109 19.33 -11.35 -18.30
N TYR A 110 18.87 -11.11 -19.52
CA TYR A 110 19.50 -11.66 -20.72
C TYR A 110 20.92 -11.13 -20.90
N ALA A 111 21.13 -9.87 -20.53
CA ALA A 111 22.46 -9.26 -20.61
C ALA A 111 23.43 -9.99 -19.70
N ALA A 112 22.98 -10.34 -18.51
CA ALA A 112 23.79 -11.10 -17.57
C ALA A 112 24.02 -12.52 -18.08
N LEU A 113 22.99 -13.10 -18.68
CA LEU A 113 23.07 -14.45 -19.23
C LEU A 113 24.06 -14.55 -20.38
N ALA A 114 24.17 -13.48 -21.17
CA ALA A 114 25.09 -13.46 -22.29
C ALA A 114 26.50 -13.09 -21.84
N ASP A 115 26.65 -12.84 -20.54
CA ASP A 115 27.92 -12.44 -19.94
C ASP A 115 28.55 -11.26 -20.67
N ASP A 116 27.74 -10.29 -21.02
CA ASP A 116 28.22 -9.11 -21.74
C ASP A 116 28.14 -7.87 -20.86
N LEU A 117 29.29 -7.42 -20.38
CA LEU A 117 29.36 -6.32 -19.42
C LEU A 117 28.89 -4.99 -20.00
N GLN A 118 29.20 -4.72 -21.27
CA GLN A 118 28.88 -3.42 -21.84
C GLN A 118 27.38 -3.20 -22.03
N THR A 119 26.68 -4.22 -22.56
CA THR A 119 25.24 -4.08 -22.72
C THR A 119 24.59 -3.92 -21.35
N VAL A 120 25.18 -4.56 -20.35
CA VAL A 120 24.74 -4.41 -18.97
C VAL A 120 24.87 -2.95 -18.53
N ARG A 121 26.06 -2.38 -18.73
CA ARG A 121 26.31 -0.98 -18.37
C ARG A 121 25.35 -0.03 -19.08
N LEU A 122 25.11 -0.28 -20.36
CA LEU A 122 24.17 0.52 -21.14
C LEU A 122 22.78 0.45 -20.53
N LEU A 123 22.37 -0.74 -20.10
CA LEU A 123 21.06 -0.89 -19.48
C LEU A 123 20.98 -0.21 -18.11
N LEU A 124 22.03 -0.36 -17.31
CA LEU A 124 22.08 0.21 -15.96
C LEU A 124 22.06 1.74 -16.00
N ASP A 125 22.81 2.32 -16.93
CA ASP A 125 22.82 3.77 -17.09
C ASP A 125 21.44 4.28 -17.50
N ALA A 126 20.67 3.40 -18.14
CA ALA A 126 19.32 3.74 -18.58
C ALA A 126 18.29 3.40 -17.50
N GLY A 127 18.76 3.23 -16.27
CA GLY A 127 17.88 2.98 -15.15
C GLY A 127 17.17 1.64 -15.19
N ALA A 128 17.89 0.61 -15.62
CA ALA A 128 17.35 -0.76 -15.54
C ALA A 128 17.36 -1.19 -14.09
N ASP A 129 16.41 -2.03 -13.71
CA ASP A 129 16.29 -2.47 -12.31
C ASP A 129 17.14 -3.72 -12.06
N PRO A 130 18.21 -3.56 -11.27
CA PRO A 130 19.10 -4.68 -10.95
C PRO A 130 18.48 -5.67 -9.97
N SER A 131 17.26 -5.39 -9.54
CA SER A 131 16.59 -6.23 -8.55
C SER A 131 15.25 -6.78 -9.05
N LEU A 132 14.87 -6.41 -10.28
CA LEU A 132 13.64 -6.92 -10.87
C LEU A 132 13.69 -8.44 -10.96
N LYS A 133 12.55 -9.08 -10.71
CA LYS A 133 12.51 -10.53 -10.65
C LYS A 133 11.59 -11.11 -11.71
N ASN A 134 12.05 -12.16 -12.39
CA ASN A 134 11.20 -12.90 -13.31
C ASN A 134 10.22 -13.76 -12.53
N ASP A 135 9.41 -14.53 -13.24
CA ASP A 135 8.39 -15.35 -12.60
C ASP A 135 8.96 -16.47 -11.72
N LEU A 136 10.28 -16.55 -11.64
CA LEU A 136 10.94 -17.55 -10.80
C LEU A 136 11.64 -16.88 -9.62
N GLY A 137 11.56 -15.56 -9.56
CA GLY A 137 12.09 -14.80 -8.44
C GLY A 137 13.59 -14.54 -8.53
N HIS A 138 14.11 -14.58 -9.75
CA HIS A 138 15.54 -14.38 -9.96
C HIS A 138 15.85 -12.99 -10.47
N THR A 139 16.78 -12.31 -9.81
CA THR A 139 17.31 -11.05 -10.30
C THR A 139 18.26 -11.33 -11.46
N PRO A 140 18.59 -10.29 -12.25
CA PRO A 140 19.65 -10.49 -13.25
C PRO A 140 20.99 -10.86 -12.61
N LEU A 141 21.13 -10.59 -11.32
CA LEU A 141 22.33 -10.98 -10.59
C LEU A 141 22.34 -12.48 -10.32
N SER A 142 21.15 -13.06 -10.15
CA SER A 142 21.01 -14.50 -9.94
C SER A 142 21.62 -15.26 -11.12
N TYR A 143 21.58 -14.63 -12.29
CA TYR A 143 22.04 -15.26 -13.52
C TYR A 143 23.44 -14.80 -13.91
N ALA A 144 23.97 -13.83 -13.19
CA ALA A 144 25.30 -13.30 -13.49
C ALA A 144 26.38 -14.23 -12.95
N ARG A 145 27.23 -14.70 -13.86
CA ARG A 145 28.43 -15.47 -13.51
C ARG A 145 29.36 -14.55 -12.74
N ASP A 146 30.12 -15.14 -11.81
CA ASP A 146 31.04 -14.35 -10.96
C ASP A 146 32.17 -13.78 -11.83
N GLY A 147 32.22 -12.44 -11.91
CA GLY A 147 33.25 -11.74 -12.69
C GLY A 147 33.09 -10.24 -12.45
N GLU A 148 33.49 -9.40 -13.40
CA GLU A 148 33.28 -7.94 -13.27
C GLU A 148 31.78 -7.64 -13.28
N LEU A 149 31.01 -8.37 -14.10
CA LEU A 149 29.56 -8.07 -14.27
C LEU A 149 28.81 -8.18 -12.93
N SER A 150 29.09 -9.20 -12.12
CA SER A 150 28.33 -9.40 -10.86
C SER A 150 28.52 -8.20 -9.94
N ALA A 151 29.74 -7.67 -9.85
CA ALA A 151 30.04 -6.54 -8.97
C ALA A 151 29.32 -5.28 -9.41
N VAL A 152 29.23 -5.09 -10.73
CA VAL A 152 28.55 -3.93 -11.29
C VAL A 152 27.06 -3.99 -10.98
N LEU A 153 26.46 -5.15 -11.17
CA LEU A 153 25.05 -5.35 -10.87
C LEU A 153 24.78 -5.20 -9.38
N ARG A 154 25.74 -5.65 -8.58
CA ARG A 154 25.64 -5.59 -7.13
C ARG A 154 25.66 -4.14 -6.65
N ASP A 155 26.61 -3.36 -7.16
CA ASP A 155 26.69 -1.94 -6.83
C ASP A 155 25.46 -1.20 -7.35
N ALA A 156 24.90 -1.70 -8.45
CA ALA A 156 23.65 -1.16 -8.95
C ALA A 156 22.55 -1.37 -7.92
N GLN A 157 22.50 -2.57 -7.35
CA GLN A 157 21.53 -2.88 -6.29
C GLN A 157 21.75 -2.01 -5.06
N ASP A 158 23.01 -1.79 -4.70
CA ASP A 158 23.34 -0.91 -3.57
C ASP A 158 22.84 0.50 -3.81
N THR A 159 23.08 1.01 -5.02
CA THR A 159 22.62 2.33 -5.42
C THR A 159 21.10 2.45 -5.30
N PHE A 160 20.39 1.55 -5.97
CA PHE A 160 18.93 1.51 -5.91
C PHE A 160 18.43 1.46 -4.47
N ALA A 161 19.12 0.69 -3.63
CA ALA A 161 18.75 0.54 -2.23
C ALA A 161 18.88 1.86 -1.47
N GLU A 162 20.03 2.50 -1.59
CA GLU A 162 20.27 3.78 -0.92
C GLU A 162 19.26 4.82 -1.38
N ALA A 163 18.91 4.75 -2.67
CA ALA A 163 17.89 5.60 -3.25
C ALA A 163 16.55 5.40 -2.54
N GLN A 164 16.13 4.14 -2.43
CA GLN A 164 14.90 3.78 -1.72
C GLN A 164 14.91 4.31 -0.28
N ARG A 165 16.05 4.13 0.38
CA ARG A 165 16.28 4.60 1.74
C ARG A 165 16.00 6.09 1.89
N LYS A 166 16.67 6.89 1.06
CA LYS A 166 16.50 8.35 1.11
C LYS A 166 15.07 8.75 0.75
N ARG A 167 14.47 8.00 -0.17
CA ARG A 167 13.08 8.20 -0.56
C ARG A 167 12.16 8.07 0.66
N GLU A 168 12.37 7.02 1.45
CA GLU A 168 11.61 6.85 2.69
C GLU A 168 11.87 8.01 3.64
N ALA A 169 13.13 8.42 3.74
CA ALA A 169 13.50 9.53 4.62
C ALA A 169 12.72 10.81 4.30
N GLU A 170 12.66 11.16 3.02
CA GLU A 170 11.98 12.38 2.62
C GLU A 170 10.46 12.22 2.57
N GLU A 171 9.99 10.97 2.45
CA GLU A 171 8.56 10.73 2.62
C GLU A 171 8.20 11.09 4.06
N ARG A 172 9.12 10.76 4.95
CA ARG A 172 8.93 11.03 6.37
C ARG A 172 9.03 12.52 6.67
N ARG A 173 9.93 13.21 5.98
CA ARG A 173 10.05 14.65 6.16
C ARG A 173 8.83 15.40 5.63
N LYS A 174 8.37 15.01 4.45
CA LYS A 174 7.37 15.79 3.73
C LYS A 174 5.93 15.50 4.13
N PHE A 175 5.68 14.31 4.68
CA PHE A 175 4.35 13.97 5.15
C PHE A 175 4.37 13.42 6.58
N PRO A 176 4.72 14.28 7.56
CA PRO A 176 4.94 13.85 8.94
C PRO A 176 3.66 13.36 9.64
N LEU A 177 2.55 14.07 9.42
CA LEU A 177 1.26 13.67 9.96
C LEU A 177 0.89 12.27 9.47
N GLU A 178 1.05 12.07 8.17
CA GLU A 178 0.77 10.80 7.54
C GLU A 178 1.65 9.69 8.13
N ARG A 179 2.90 10.04 8.43
CA ARG A 179 3.84 9.08 9.03
C ARG A 179 3.35 8.67 10.42
N ARG A 180 2.99 9.64 11.26
CA ARG A 180 2.57 9.29 12.61
C ARG A 180 1.25 8.55 12.61
N LEU A 181 0.41 8.83 11.61
CA LEU A 181 -0.83 8.10 11.45
C LEU A 181 -0.57 6.64 11.09
N LYS A 182 0.33 6.41 10.14
CA LYS A 182 0.65 5.04 9.74
C LYS A 182 1.39 4.29 10.86
N GLU A 183 2.10 5.03 11.70
CA GLU A 183 2.87 4.43 12.79
C GLU A 183 1.97 4.11 13.99
N HIS A 184 0.91 4.88 14.16
CA HIS A 184 0.05 4.72 15.33
C HIS A 184 -1.33 4.15 14.99
N ILE A 185 -1.52 3.73 13.74
CA ILE A 185 -2.78 3.12 13.33
C ILE A 185 -2.56 1.94 12.40
N ILE A 186 -3.09 0.79 12.81
CA ILE A 186 -2.98 -0.44 12.03
C ILE A 186 -4.05 -0.50 10.95
N GLY A 187 -3.61 -0.78 9.73
CA GLY A 187 -4.52 -0.84 8.59
C GLY A 187 -5.05 0.52 8.18
N GLN A 188 -6.13 0.52 7.42
CA GLN A 188 -6.81 1.75 6.99
C GLN A 188 -5.86 2.72 6.28
N GLU A 189 -5.15 2.20 5.28
CA GLU A 189 -4.18 2.95 4.50
C GLU A 189 -4.82 4.14 3.76
N GLY A 190 -5.78 3.83 2.90
CA GLY A 190 -6.44 4.82 2.08
C GLY A 190 -7.12 5.92 2.87
N ALA A 191 -7.66 5.57 4.03
CA ALA A 191 -8.30 6.53 4.91
C ALA A 191 -7.31 7.60 5.34
N ILE A 192 -6.18 7.14 5.88
CA ILE A 192 -5.06 7.99 6.27
C ILE A 192 -4.66 8.88 5.09
N ASN A 193 -4.53 8.28 3.92
CA ASN A 193 -4.24 9.04 2.70
C ASN A 193 -5.19 10.21 2.51
N THR A 194 -6.47 9.90 2.35
CA THR A 194 -7.52 10.89 2.12
C THR A 194 -7.46 12.03 3.12
N VAL A 195 -7.50 11.68 4.41
CA VAL A 195 -7.50 12.67 5.48
C VAL A 195 -6.26 13.59 5.44
N ALA A 196 -5.09 12.99 5.47
CA ALA A 196 -3.84 13.74 5.51
C ALA A 196 -3.70 14.66 4.30
N SER A 197 -3.95 14.10 3.12
CA SER A 197 -3.87 14.88 1.89
C SER A 197 -4.84 16.05 1.90
N ALA A 198 -6.03 15.83 2.49
CA ALA A 198 -7.00 16.91 2.63
C ALA A 198 -6.45 18.04 3.52
N ILE A 199 -5.93 17.67 4.69
CA ILE A 199 -5.41 18.66 5.62
C ILE A 199 -4.27 19.46 5.01
N ARG A 200 -3.34 18.77 4.36
CA ARG A 200 -2.26 19.44 3.63
C ARG A 200 -2.83 20.38 2.58
N ARG A 201 -3.86 19.92 1.88
CA ARG A 201 -4.48 20.69 0.81
C ARG A 201 -5.04 22.00 1.33
N LYS A 202 -5.65 21.98 2.51
CA LYS A 202 -6.16 23.23 3.07
C LYS A 202 -5.02 24.11 3.57
N GLU A 203 -4.08 23.52 4.31
CA GLU A 203 -3.00 24.28 4.93
C GLU A 203 -2.11 24.96 3.90
N ASN A 204 -2.02 24.36 2.71
CA ASN A 204 -1.26 24.96 1.61
C ASN A 204 -2.05 26.06 0.92
N GLY A 205 -3.38 25.91 0.91
CA GLY A 205 -4.25 26.93 0.38
C GLY A 205 -4.88 26.58 -0.95
N TRP A 206 -5.21 25.30 -1.13
CA TRP A 206 -5.85 24.84 -2.35
C TRP A 206 -7.27 24.36 -2.05
N TYR A 207 -7.72 24.64 -0.83
CA TYR A 207 -9.13 24.58 -0.50
C TYR A 207 -9.62 26.00 -0.25
N ASP A 208 -10.93 26.19 -0.34
CA ASP A 208 -11.51 27.48 0.00
C ASP A 208 -11.28 27.73 1.49
N GLU A 209 -10.92 28.96 1.84
CA GLU A 209 -10.86 29.32 3.25
C GLU A 209 -12.29 29.57 3.75
N GLU A 210 -13.29 29.29 2.93
CA GLU A 210 -14.66 29.64 3.30
C GLU A 210 -15.07 29.00 4.62
N HIS A 211 -14.53 27.81 4.81
CA HIS A 211 -14.97 27.04 5.99
C HIS A 211 -13.85 26.14 6.49
N PRO A 212 -13.63 25.93 7.82
CA PRO A 212 -12.72 24.89 8.27
C PRO A 212 -13.06 23.54 7.67
N LEU A 213 -12.15 22.58 7.73
CA LEU A 213 -12.35 21.29 7.08
C LEU A 213 -13.52 20.50 7.63
N VAL A 214 -14.12 19.68 6.77
CA VAL A 214 -15.24 18.82 7.13
C VAL A 214 -15.10 17.45 6.49
N PHE A 215 -15.15 16.39 7.30
CA PHE A 215 -15.00 15.04 6.80
C PHE A 215 -16.23 14.19 7.04
N LEU A 216 -16.38 13.13 6.26
CA LEU A 216 -17.37 12.13 6.63
C LEU A 216 -16.81 10.72 6.63
N PHE A 217 -16.78 10.09 7.79
CA PHE A 217 -16.21 8.75 7.91
C PHE A 217 -17.28 7.68 7.75
N LEU A 218 -17.07 6.77 6.80
CA LEU A 218 -18.01 5.69 6.56
C LEU A 218 -17.37 4.33 6.77
N GLY A 219 -18.17 3.34 7.14
CA GLY A 219 -17.68 1.99 7.33
C GLY A 219 -18.25 1.30 8.55
N SER A 220 -17.42 0.51 9.21
CA SER A 220 -17.84 -0.27 10.37
C SER A 220 -17.34 0.37 11.67
N SER A 221 -18.12 0.21 12.73
CA SER A 221 -17.74 0.74 14.04
C SER A 221 -16.56 -0.03 14.62
N GLY A 222 -15.61 0.70 15.19
CA GLY A 222 -14.50 0.11 15.90
C GLY A 222 -13.39 -0.46 15.04
N ILE A 223 -13.02 0.25 13.98
CA ILE A 223 -11.89 -0.19 13.14
C ILE A 223 -10.94 0.95 12.81
N GLY A 224 -10.95 2.01 13.63
CA GLY A 224 -9.95 3.05 13.51
C GLY A 224 -10.44 4.48 13.52
N LYS A 225 -11.67 4.70 13.05
CA LYS A 225 -12.24 6.04 12.90
C LYS A 225 -11.94 6.98 14.06
N THR A 226 -12.34 6.56 15.25
CA THR A 226 -12.20 7.39 16.44
C THR A 226 -10.75 7.66 16.79
N GLU A 227 -9.94 6.60 16.87
CA GLU A 227 -8.54 6.79 17.22
C GLU A 227 -7.80 7.50 16.11
N LEU A 228 -8.26 7.38 14.86
CA LEU A 228 -7.71 8.19 13.78
C LEU A 228 -7.97 9.65 14.11
N ALA A 229 -9.20 9.94 14.55
CA ALA A 229 -9.58 11.29 14.93
C ALA A 229 -8.69 11.84 16.05
N LYS A 230 -8.64 11.15 17.19
CA LYS A 230 -7.85 11.67 18.31
C LYS A 230 -6.36 11.71 17.98
N GLN A 231 -5.90 10.83 17.08
CA GLN A 231 -4.52 10.86 16.63
C GLN A 231 -4.25 12.15 15.88
N VAL A 232 -5.15 12.47 14.95
CA VAL A 232 -5.08 13.74 14.23
C VAL A 232 -5.03 14.90 15.20
N ALA A 233 -5.93 14.87 16.19
CA ALA A 233 -5.99 15.90 17.20
C ALA A 233 -4.67 16.04 17.95
N ARG A 234 -4.07 14.92 18.36
CA ARG A 234 -2.86 14.99 19.16
C ARG A 234 -1.66 15.42 18.32
N TYR A 235 -1.68 15.13 17.02
CA TYR A 235 -0.56 15.64 16.19
C TYR A 235 -0.72 17.16 16.09
N MET A 236 -1.94 17.63 15.78
CA MET A 236 -2.17 19.04 15.56
C MET A 236 -1.96 19.93 16.80
N HIS A 237 -2.47 19.48 17.95
CA HIS A 237 -2.39 20.37 19.14
C HIS A 237 -1.07 20.16 19.87
N LYS A 238 -0.25 19.22 19.38
CA LYS A 238 1.07 18.92 20.01
C LYS A 238 0.81 18.60 21.49
N ASP A 239 -0.30 17.93 21.78
CA ASP A 239 -0.67 17.59 23.17
C ASP A 239 -1.68 16.44 23.13
N ILE A 240 -1.40 15.36 23.84
CA ILE A 240 -2.29 14.16 23.83
C ILE A 240 -3.73 14.49 24.20
N LYS A 241 -3.94 15.33 25.23
CA LYS A 241 -5.31 15.57 25.76
C LYS A 241 -6.04 16.68 25.01
N LYS A 242 -5.61 17.94 25.17
CA LYS A 242 -6.37 19.07 24.57
C LYS A 242 -6.43 18.95 23.05
N GLY A 243 -7.58 19.27 22.46
CA GLY A 243 -7.70 19.26 20.99
C GLY A 243 -8.77 18.30 20.48
N PHE A 244 -9.49 17.62 21.38
CA PHE A 244 -10.46 16.64 20.92
C PHE A 244 -11.82 16.79 21.60
N ILE A 245 -12.88 16.63 20.78
CA ILE A 245 -14.28 16.75 21.28
C ILE A 245 -15.09 15.67 20.55
N ARG A 246 -15.88 14.87 21.26
CA ARG A 246 -16.74 13.88 20.64
C ARG A 246 -18.20 14.04 21.06
N MET A 247 -19.10 13.95 20.08
CA MET A 247 -20.53 14.01 20.34
C MET A 247 -21.25 12.77 19.83
N ASP A 248 -22.27 12.37 20.57
CA ASP A 248 -23.07 11.19 20.23
C ASP A 248 -24.40 11.62 19.61
N MET A 249 -24.58 11.29 18.33
CA MET A 249 -25.80 11.66 17.63
C MET A 249 -26.91 10.64 17.90
N SER A 250 -26.51 9.45 18.37
CA SER A 250 -27.46 8.45 18.83
C SER A 250 -28.24 9.02 20.01
N GLU A 251 -27.59 9.93 20.75
CA GLU A 251 -28.20 10.54 21.96
C GLU A 251 -29.32 11.53 21.57
N PHE A 252 -28.98 12.59 20.83
CA PHE A 252 -29.96 13.62 20.49
C PHE A 252 -31.14 13.07 19.69
N LEU A 277 -24.30 22.43 23.60
CA LEU A 277 -23.26 21.85 22.75
C LEU A 277 -22.08 22.81 22.57
N THR A 278 -22.32 24.08 22.88
CA THR A 278 -21.38 25.17 22.55
C THR A 278 -20.18 25.33 23.50
N LYS A 279 -20.46 25.14 24.78
CA LYS A 279 -19.51 25.42 25.86
C LYS A 279 -18.23 24.66 25.60
N GLN A 280 -18.40 23.38 25.26
CA GLN A 280 -17.26 22.51 25.01
C GLN A 280 -16.45 23.06 23.83
N LEU A 281 -17.16 23.54 22.82
CA LEU A 281 -16.52 24.18 21.68
C LEU A 281 -15.79 25.44 22.15
N LYS A 282 -16.40 26.16 23.09
CA LYS A 282 -15.86 27.42 23.59
C LYS A 282 -14.51 27.28 24.28
N GLN A 283 -14.32 26.22 25.04
CA GLN A 283 -13.10 26.05 25.82
C GLN A 283 -11.86 25.98 24.94
N SER A 284 -11.96 25.24 23.84
CA SER A 284 -10.92 25.21 22.82
C SER A 284 -11.53 25.74 21.53
N PRO A 285 -10.95 26.76 20.85
CA PRO A 285 -11.59 27.34 19.66
C PRO A 285 -11.24 26.65 18.33
N SER A 286 -10.13 25.89 18.28
CA SER A 286 -9.74 25.31 17.01
C SER A 286 -9.59 23.78 17.08
N ALA A 287 -10.37 23.14 17.94
CA ALA A 287 -10.20 21.71 18.21
C ALA A 287 -10.70 20.80 17.10
N VAL A 288 -10.53 19.50 17.32
CA VAL A 288 -11.03 18.47 16.41
C VAL A 288 -12.33 17.90 16.96
N VAL A 289 -13.37 17.92 16.14
CA VAL A 289 -14.71 17.57 16.60
C VAL A 289 -15.28 16.36 15.84
N LEU A 290 -15.81 15.41 16.61
CA LEU A 290 -16.38 14.19 16.05
C LEU A 290 -17.88 14.12 16.32
N PHE A 291 -18.63 13.59 15.35
CA PHE A 291 -20.06 13.32 15.55
C PHE A 291 -20.35 11.89 15.13
N ASP A 292 -20.76 11.05 16.08
CA ASP A 292 -20.90 9.63 15.76
C ASP A 292 -22.34 9.12 15.67
N GLU A 293 -22.57 8.18 14.75
CA GLU A 293 -23.94 7.64 14.53
C GLU A 293 -24.88 8.79 14.12
N VAL A 294 -24.46 9.60 13.14
CA VAL A 294 -25.26 10.77 12.70
C VAL A 294 -26.51 10.28 11.95
N GLU A 295 -26.66 8.96 11.81
CA GLU A 295 -27.81 8.38 11.06
C GLU A 295 -29.10 9.11 11.44
N LYS A 296 -29.37 9.30 12.74
CA LYS A 296 -30.67 9.88 13.15
C LYS A 296 -30.51 11.22 13.88
N ALA A 297 -29.47 12.00 13.56
CA ALA A 297 -29.37 13.35 14.17
C ALA A 297 -30.51 14.21 13.62
N HIS A 298 -31.13 15.02 14.48
CA HIS A 298 -32.31 15.82 14.05
C HIS A 298 -31.89 16.89 13.03
N PRO A 299 -32.65 17.11 11.92
CA PRO A 299 -32.33 18.19 10.97
C PRO A 299 -32.04 19.50 11.70
N ASP A 300 -32.79 19.81 12.75
CA ASP A 300 -32.59 21.04 13.57
C ASP A 300 -31.10 21.16 13.91
N VAL A 301 -30.48 20.09 14.41
CA VAL A 301 -29.04 20.11 14.77
C VAL A 301 -28.20 20.06 13.48
N LEU A 302 -28.60 19.25 12.49
CA LEU A 302 -27.89 19.21 11.19
C LEU A 302 -27.89 20.62 10.58
N THR A 303 -28.98 21.37 10.74
CA THR A 303 -29.06 22.76 10.22
C THR A 303 -28.06 23.65 10.96
N VAL A 304 -28.01 23.56 12.30
CA VAL A 304 -27.04 24.34 13.05
C VAL A 304 -25.63 23.89 12.72
N MET A 305 -25.45 22.58 12.56
CA MET A 305 -24.19 22.03 12.07
C MET A 305 -23.79 22.62 10.71
N LEU A 306 -24.78 22.86 9.87
CA LEU A 306 -24.54 23.31 8.52
C LEU A 306 -24.23 24.77 8.43
N GLN A 307 -24.99 25.58 9.15
CA GLN A 307 -24.80 27.03 9.16
C GLN A 307 -23.44 27.39 9.74
N LEU A 308 -23.05 26.68 10.81
CA LEU A 308 -21.77 26.94 11.45
C LEU A 308 -20.62 26.66 10.50
N PHE A 309 -20.74 25.58 9.73
CA PHE A 309 -19.71 25.22 8.76
C PHE A 309 -19.59 26.31 7.71
N ASP A 310 -20.74 26.84 7.27
CA ASP A 310 -20.76 27.91 6.28
C ASP A 310 -20.08 29.15 6.84
N GLU A 311 -20.33 29.43 8.12
CA GLU A 311 -19.72 30.57 8.79
C GLU A 311 -18.20 30.40 8.85
N THR A 321 -19.83 34.99 17.16
CA THR A 321 -20.59 34.14 18.12
C THR A 321 -19.85 32.81 18.32
N ILE A 322 -19.78 31.99 17.27
CA ILE A 322 -19.14 30.64 17.38
C ILE A 322 -17.67 30.81 17.81
N GLU A 323 -17.01 31.87 17.37
CA GLU A 323 -15.59 32.13 17.74
C GLU A 323 -14.76 30.89 17.39
N CYS A 324 -15.02 30.29 16.23
CA CYS A 324 -14.33 29.02 15.87
C CYS A 324 -13.76 29.12 14.45
N LYS A 325 -12.45 28.94 14.29
CA LYS A 325 -11.81 28.97 12.96
C LYS A 325 -10.71 27.90 12.91
N ASP A 326 -10.40 27.37 11.73
CA ASP A 326 -9.33 26.34 11.58
C ASP A 326 -9.61 25.13 12.48
N ALA A 327 -10.87 24.69 12.57
CA ALA A 327 -11.19 23.46 13.33
C ALA A 327 -11.30 22.29 12.34
N ILE A 328 -11.54 21.08 12.84
CA ILE A 328 -11.70 19.88 11.95
C ILE A 328 -13.04 19.21 12.30
N PHE A 329 -13.93 19.10 11.31
CA PHE A 329 -15.27 18.50 11.56
C PHE A 329 -15.31 17.10 10.97
N ILE A 330 -15.59 16.11 11.83
CA ILE A 330 -15.60 14.68 11.39
C ILE A 330 -16.96 14.07 11.75
N MET A 331 -17.59 13.38 10.80
CA MET A 331 -18.88 12.70 11.09
C MET A 331 -18.71 11.23 10.75
N THR A 332 -19.43 10.33 11.41
CA THR A 332 -19.40 8.91 11.11
C THR A 332 -20.79 8.29 10.99
N SER A 333 -20.86 7.22 10.21
CA SER A 333 -22.10 6.49 10.06
C SER A 333 -21.85 5.10 9.47
N ASN A 334 -22.72 4.15 9.82
CA ASN A 334 -22.69 2.82 9.24
C ASN A 334 -23.37 2.80 7.88
N ALA A 335 -23.61 3.99 7.34
CA ALA A 335 -24.27 4.14 6.05
C ALA A 335 -23.47 3.47 4.95
N ALA A 336 -24.17 2.67 4.13
CA ALA A 336 -23.56 1.95 3.01
C ALA A 336 -22.41 1.03 3.45
N SER A 337 -22.40 0.67 4.74
CA SER A 337 -21.36 -0.21 5.27
C SER A 337 -21.35 -1.55 4.54
N ASP A 338 -22.54 -2.10 4.31
CA ASP A 338 -22.68 -3.34 3.55
C ASP A 338 -22.10 -3.18 2.15
N GLU A 339 -22.30 -1.99 1.59
CA GLU A 339 -21.88 -1.71 0.21
C GLU A 339 -20.41 -1.34 0.14
N ILE A 340 -19.89 -0.71 1.20
CA ILE A 340 -18.47 -0.46 1.31
C ILE A 340 -17.73 -1.79 1.38
N ALA A 341 -18.14 -2.62 2.32
CA ALA A 341 -17.54 -3.94 2.51
C ALA A 341 -17.72 -4.83 1.29
N GLN A 342 -18.82 -4.61 0.56
CA GLN A 342 -19.18 -5.40 -0.62
C GLN A 342 -18.01 -5.61 -1.58
N HIS A 343 -17.12 -4.63 -1.65
CA HIS A 343 -15.96 -4.73 -2.53
C HIS A 343 -14.83 -3.79 -2.08
N ALA A 344 -14.19 -4.17 -0.97
CA ALA A 344 -13.08 -3.39 -0.43
C ALA A 344 -11.78 -3.70 -1.16
N LEU A 345 -11.77 -4.82 -1.89
CA LEU A 345 -10.66 -5.20 -2.75
C LEU A 345 -10.18 -4.03 -3.61
N GLN A 346 -11.10 -3.55 -4.44
CA GLN A 346 -10.90 -2.36 -5.28
C GLN A 346 -10.30 -1.21 -4.47
N LEU A 347 -10.95 -0.93 -3.35
CA LEU A 347 -10.60 0.20 -2.50
C LEU A 347 -9.16 0.12 -2.01
N ARG A 348 -8.74 -1.05 -1.54
CA ARG A 348 -7.36 -1.24 -1.13
C ARG A 348 -6.39 -1.13 -2.30
N GLN A 349 -6.77 -1.68 -3.44
CA GLN A 349 -5.91 -1.58 -4.63
C GLN A 349 -5.58 -0.12 -4.95
N GLU A 350 -6.65 0.67 -5.07
CA GLU A 350 -6.53 2.10 -5.26
C GLU A 350 -5.76 2.73 -4.10
N ALA A 351 -5.86 2.11 -2.93
CA ALA A 351 -5.19 2.62 -1.74
C ALA A 351 -3.68 2.53 -1.86
N GLN A 352 -3.12 1.34 -2.11
CA GLN A 352 -1.66 1.29 -2.16
C GLN A 352 -1.11 1.92 -3.43
N GLU A 353 -1.91 1.95 -4.50
CA GLU A 353 -1.44 2.54 -5.79
C GLU A 353 -1.39 4.07 -5.66
N GLN A 354 -2.42 4.66 -5.05
CA GLN A 354 -2.50 6.11 -4.85
C GLN A 354 -1.46 6.51 -3.79
N SER A 355 -1.21 5.58 -2.88
CA SER A 355 -0.08 5.63 -1.97
C SER A 355 1.25 5.67 -2.73
N ARG A 356 1.35 4.93 -3.84
CA ARG A 356 2.64 4.88 -4.59
C ARG A 356 2.89 6.24 -5.25
N ARG A 357 1.83 6.94 -5.64
CA ARG A 357 1.95 8.28 -6.28
C ARG A 357 2.58 9.26 -5.30
N ARG A 358 2.28 9.13 -4.00
CA ARG A 358 2.81 10.08 -2.98
C ARG A 358 4.34 10.08 -3.06
N LEU A 359 4.97 8.98 -3.49
CA LEU A 359 6.46 8.88 -3.48
C LEU A 359 7.10 9.24 -4.84
N ALA A 360 6.31 9.68 -5.83
CA ALA A 360 6.85 9.97 -7.18
C ALA A 360 6.80 11.49 -7.45
N GLU A 361 7.92 12.10 -7.86
CA GLU A 361 7.94 13.59 -7.92
C GLU A 361 8.26 14.14 -9.31
N ASN A 362 7.26 14.18 -10.20
CA ASN A 362 7.46 14.82 -11.53
C ASN A 362 6.07 15.23 -12.05
N LEU A 363 6.00 16.18 -12.97
CA LEU A 363 4.69 16.67 -13.50
C LEU A 363 3.89 15.48 -14.04
N ASP A 364 4.57 14.36 -14.30
CA ASP A 364 3.88 13.15 -14.85
C ASP A 364 3.04 12.43 -13.78
N ASP A 365 3.56 12.26 -12.57
CA ASP A 365 2.82 11.55 -11.49
C ASP A 365 1.71 12.47 -10.99
N VAL A 366 1.83 13.76 -11.26
CA VAL A 366 0.85 14.76 -10.85
C VAL A 366 -0.31 14.74 -11.85
N GLN A 367 0.04 14.58 -13.12
CA GLN A 367 -0.97 14.32 -14.12
C GLN A 367 -1.58 12.95 -13.86
N LYS A 368 -0.82 12.05 -13.25
CA LYS A 368 -1.38 10.78 -12.84
C LYS A 368 -2.38 11.03 -11.69
N SER A 369 -2.12 12.12 -10.96
CA SER A 369 -3.01 12.53 -9.84
C SER A 369 -4.33 13.10 -10.38
N GLU A 370 -4.29 13.74 -11.55
CA GLU A 370 -5.52 14.31 -12.18
C GLU A 370 -6.45 13.16 -12.59
N ASN A 371 -5.88 12.03 -13.03
CA ASN A 371 -6.69 10.87 -13.48
C ASN A 371 -7.88 10.59 -12.56
N ILE A 372 -9.09 10.52 -13.13
CA ILE A 372 -10.34 10.21 -12.35
C ILE A 372 -10.07 8.97 -11.50
N THR A 373 -10.24 9.09 -10.18
CA THR A 373 -9.94 7.97 -9.30
C THR A 373 -11.15 7.08 -9.13
N ILE A 374 -10.92 5.82 -8.78
CA ILE A 374 -12.00 4.83 -8.73
C ILE A 374 -12.91 5.07 -7.52
N SER A 375 -12.37 5.68 -6.47
CA SER A 375 -13.20 6.05 -5.32
C SER A 375 -14.23 7.11 -5.72
N ASN A 376 -13.88 7.96 -6.69
CA ASN A 376 -14.81 8.95 -7.23
C ASN A 376 -15.97 8.28 -7.96
N THR A 377 -15.61 7.27 -8.77
CA THR A 377 -16.65 6.52 -9.51
C THR A 377 -17.54 5.78 -8.52
N PHE A 378 -16.94 5.19 -7.46
CA PHE A 378 -17.74 4.40 -6.56
C PHE A 378 -18.74 5.28 -5.85
N LYS A 379 -18.27 6.43 -5.39
CA LYS A 379 -19.14 7.24 -4.57
C LYS A 379 -20.32 7.68 -5.40
N GLU A 380 -20.08 8.07 -6.65
CA GLU A 380 -21.17 8.66 -7.48
C GLU A 380 -22.19 7.60 -7.88
N GLN A 381 -21.81 6.64 -8.72
CA GLN A 381 -22.80 5.66 -9.22
C GLN A 381 -23.25 4.71 -8.11
N VAL A 382 -22.43 4.52 -7.06
CA VAL A 382 -22.82 3.49 -6.05
C VAL A 382 -23.29 4.07 -4.71
N ILE A 383 -22.54 5.00 -4.08
CA ILE A 383 -22.94 5.39 -2.68
C ILE A 383 -23.53 6.79 -2.46
N ARG A 384 -23.25 7.81 -3.28
CA ARG A 384 -23.87 9.08 -2.93
C ARG A 384 -25.38 9.03 -3.07
N PRO A 385 -25.89 8.37 -4.11
CA PRO A 385 -27.34 8.25 -4.22
C PRO A 385 -27.89 7.53 -2.98
N ILE A 386 -27.21 6.48 -2.54
CA ILE A 386 -27.58 5.79 -1.30
C ILE A 386 -27.42 6.68 -0.06
N LEU A 387 -26.40 7.54 -0.08
CA LEU A 387 -26.25 8.52 1.02
C LEU A 387 -27.43 9.49 0.92
N LYS A 388 -27.74 10.02 -0.27
CA LYS A 388 -28.88 10.96 -0.46
C LYS A 388 -30.24 10.27 -0.22
N ALA A 389 -30.45 9.09 -0.80
CA ALA A 389 -31.70 8.33 -0.53
C ALA A 389 -31.83 8.19 0.98
N HIS A 390 -30.71 8.26 1.69
CA HIS A 390 -30.74 8.17 3.18
C HIS A 390 -30.71 9.57 3.80
N PHE A 391 -30.06 10.53 3.14
CA PHE A 391 -29.92 11.87 3.77
C PHE A 391 -30.98 12.91 3.39
N ARG A 392 -31.47 12.92 2.14
CA ARG A 392 -32.53 13.87 1.69
C ARG A 392 -31.93 15.22 1.26
N ARG A 393 -30.62 15.41 1.39
CA ARG A 393 -29.97 16.63 0.94
C ARG A 393 -29.01 16.33 -0.20
N ASP A 394 -29.21 17.02 -1.32
CA ASP A 394 -28.28 16.93 -2.44
C ASP A 394 -27.24 18.01 -2.21
N GLU A 395 -27.44 18.77 -1.14
CA GLU A 395 -26.60 19.91 -0.83
C GLU A 395 -25.53 19.49 0.17
N PHE A 396 -25.91 18.64 1.12
CA PHE A 396 -25.07 18.31 2.26
C PHE A 396 -23.73 17.67 1.87
N LEU A 397 -23.76 16.81 0.86
CA LEU A 397 -22.56 16.11 0.42
C LEU A 397 -21.50 17.10 -0.06
N GLY A 398 -21.95 18.14 -0.76
CA GLY A 398 -21.04 19.15 -1.30
C GLY A 398 -20.26 19.93 -0.26
N ARG A 399 -20.93 20.29 0.84
CA ARG A 399 -20.28 21.08 1.88
C ARG A 399 -19.11 20.33 2.51
N ILE A 400 -19.30 19.04 2.74
CA ILE A 400 -18.25 18.17 3.26
C ILE A 400 -17.13 18.06 2.23
N ASN A 401 -15.91 18.37 2.65
CA ASN A 401 -14.77 18.34 1.75
C ASN A 401 -14.54 16.96 1.14
N GLU A 402 -14.45 15.95 1.99
CA GLU A 402 -14.24 14.57 1.53
C GLU A 402 -14.96 13.50 2.34
N ILE A 403 -15.27 12.39 1.67
CA ILE A 403 -15.77 11.17 2.29
C ILE A 403 -14.62 10.19 2.43
N VAL A 404 -14.43 9.68 3.63
CA VAL A 404 -13.37 8.75 3.93
C VAL A 404 -13.93 7.36 4.17
N TYR A 405 -13.31 6.36 3.55
CA TYR A 405 -13.80 4.99 3.62
C TYR A 405 -12.95 4.16 4.57
N PHE A 406 -13.61 3.47 5.50
CA PHE A 406 -12.91 2.58 6.41
C PHE A 406 -13.23 1.12 6.08
N LEU A 407 -12.19 0.31 5.98
CA LEU A 407 -12.32 -1.06 5.47
C LEU A 407 -12.11 -2.10 6.56
N PRO A 408 -12.80 -3.24 6.44
CA PRO A 408 -12.57 -4.38 7.35
C PRO A 408 -11.12 -4.83 7.31
N PHE A 409 -10.57 -5.20 8.45
CA PHE A 409 -9.18 -5.62 8.52
C PHE A 409 -8.92 -6.88 7.71
N CYS A 410 -7.75 -6.95 7.08
CA CYS A 410 -7.30 -8.20 6.49
C CYS A 410 -6.56 -8.98 7.56
N HIS A 411 -6.10 -10.17 7.23
CA HIS A 411 -5.45 -11.06 8.19
C HIS A 411 -4.29 -10.39 8.91
N SER A 412 -3.31 -9.95 8.14
CA SER A 412 -2.10 -9.30 8.65
C SER A 412 -2.40 -8.21 9.67
N GLU A 413 -3.42 -7.41 9.39
CA GLU A 413 -3.79 -6.29 10.26
C GLU A 413 -4.32 -6.78 11.60
N LEU A 414 -5.09 -7.87 11.57
CA LEU A 414 -5.56 -8.51 12.79
C LEU A 414 -4.37 -9.02 13.61
N LEU A 415 -3.47 -9.73 12.92
CA LEU A 415 -2.23 -10.19 13.54
C LEU A 415 -1.49 -9.04 14.20
N GLN A 416 -1.52 -7.88 13.57
CA GLN A 416 -0.83 -6.70 14.08
C GLN A 416 -1.54 -6.10 15.29
N LEU A 417 -2.86 -6.25 15.35
CA LEU A 417 -3.62 -5.82 16.52
C LEU A 417 -3.27 -6.69 17.73
N VAL A 418 -3.38 -8.00 17.54
CA VAL A 418 -3.00 -8.96 18.57
C VAL A 418 -1.58 -8.70 19.05
N SER A 419 -0.68 -8.48 18.08
CA SER A 419 0.70 -8.13 18.37
C SER A 419 0.75 -6.89 19.27
N ARG A 420 0.02 -5.85 18.87
CA ARG A 420 0.00 -4.58 19.61
C ARG A 420 -0.33 -4.80 21.08
N GLU A 421 -1.45 -5.46 21.33
CA GLU A 421 -1.85 -5.69 22.72
C GLU A 421 -0.84 -6.56 23.47
N LEU A 422 -0.32 -7.56 22.78
CA LEU A 422 0.64 -8.46 23.39
C LEU A 422 1.93 -7.75 23.84
N HIS A 423 2.51 -6.90 23.00
CA HIS A 423 3.67 -6.13 23.48
C HIS A 423 3.26 -5.10 24.52
N TYR A 424 2.00 -4.65 24.51
CA TYR A 424 1.56 -3.76 25.59
C TYR A 424 1.78 -4.47 26.91
N TRP A 425 1.29 -5.70 27.00
CA TRP A 425 1.42 -6.44 28.26
C TRP A 425 2.83 -6.97 28.54
N ALA A 426 3.59 -7.25 27.48
CA ALA A 426 4.98 -7.67 27.65
C ALA A 426 5.80 -6.54 28.24
N LYS A 427 5.57 -5.35 27.69
CA LYS A 427 6.22 -4.11 28.16
C LYS A 427 5.87 -3.83 29.61
N LYS A 428 4.56 -3.87 29.90
CA LYS A 428 4.11 -3.61 31.27
C LYS A 428 4.72 -4.62 32.24
N ALA A 429 4.78 -5.88 31.82
CA ALA A 429 5.39 -6.93 32.63
C ALA A 429 6.87 -6.65 32.90
N LYS A 430 7.59 -6.25 31.85
CA LYS A 430 9.02 -5.99 31.96
C LYS A 430 9.31 -4.79 32.86
N GLN A 431 8.53 -3.73 32.73
CA GLN A 431 8.77 -2.54 33.53
C GLN A 431 8.35 -2.75 34.98
N ARG A 432 7.28 -3.51 35.19
CA ARG A 432 6.70 -3.62 36.52
C ARG A 432 7.34 -4.73 37.36
N HIS A 433 7.58 -5.88 36.77
CA HIS A 433 8.10 -7.03 37.50
C HIS A 433 9.36 -7.64 36.87
N ASN A 434 9.89 -6.94 35.87
CA ASN A 434 11.05 -7.43 35.10
C ASN A 434 10.80 -8.83 34.55
N ILE A 435 9.55 -9.09 34.14
CA ILE A 435 9.19 -10.37 33.55
C ILE A 435 9.22 -10.28 32.03
N THR A 436 10.00 -11.17 31.41
CA THR A 436 10.04 -11.23 29.96
C THR A 436 8.90 -12.13 29.47
N LEU A 437 8.15 -11.63 28.50
CA LEU A 437 7.00 -12.36 27.97
C LEU A 437 7.17 -12.62 26.48
N LEU A 438 7.11 -13.89 26.08
CA LEU A 438 7.45 -14.28 24.72
C LEU A 438 6.34 -15.08 24.03
N TRP A 439 6.36 -15.07 22.71
CA TRP A 439 5.43 -15.85 21.91
C TRP A 439 5.90 -15.94 20.46
N GLU A 440 5.32 -16.86 19.71
CA GLU A 440 5.57 -16.96 18.28
C GLU A 440 4.26 -16.76 17.51
N ARG A 441 4.37 -16.78 16.19
CA ARG A 441 3.22 -16.62 15.28
C ARG A 441 2.00 -17.51 15.57
N PRO A 442 2.20 -18.79 15.92
CA PRO A 442 1.06 -19.64 16.28
C PRO A 442 0.07 -18.99 17.25
N VAL A 443 0.59 -18.37 18.30
CA VAL A 443 -0.25 -17.69 19.29
C VAL A 443 -1.11 -16.61 18.65
N LEU A 444 -0.47 -15.71 17.89
CA LEU A 444 -1.17 -14.64 17.20
C LEU A 444 -2.28 -15.19 16.32
N GLU A 445 -1.94 -16.21 15.55
CA GLU A 445 -2.91 -16.87 14.67
C GLU A 445 -4.09 -17.43 15.45
N LEU A 446 -3.82 -17.96 16.64
CA LEU A 446 -4.87 -18.52 17.48
C LEU A 446 -5.79 -17.43 18.02
N LEU A 447 -5.21 -16.40 18.61
CA LEU A 447 -5.97 -15.30 19.19
C LEU A 447 -6.80 -14.55 18.15
N VAL A 448 -6.29 -14.49 16.93
CA VAL A 448 -7.01 -13.84 15.84
C VAL A 448 -8.38 -14.47 15.60
N LYS A 449 -8.48 -15.78 15.82
CA LYS A 449 -9.74 -16.50 15.65
C LYS A 449 -10.85 -15.95 16.54
N GLY A 450 -10.48 -15.31 17.64
CA GLY A 450 -11.45 -14.74 18.55
C GLY A 450 -11.81 -13.31 18.22
N TYR A 451 -11.74 -12.97 16.93
CA TYR A 451 -12.14 -11.66 16.47
C TYR A 451 -13.54 -11.71 15.87
N ASN A 452 -14.48 -11.04 16.52
CA ASN A 452 -15.82 -10.92 15.97
C ASN A 452 -16.14 -9.46 15.62
N LEU A 453 -16.86 -9.27 14.52
CA LEU A 453 -17.01 -7.96 13.91
C LEU A 453 -17.65 -6.88 14.76
N HIS A 454 -18.70 -7.24 15.50
CA HIS A 454 -19.54 -6.25 16.18
C HIS A 454 -18.73 -5.29 17.06
N TYR A 455 -17.78 -5.82 17.82
CA TYR A 455 -16.98 -5.00 18.73
C TYR A 455 -15.69 -4.49 18.09
N GLY A 456 -15.39 -4.98 16.89
CA GLY A 456 -14.26 -4.50 16.13
C GLY A 456 -12.90 -4.75 16.76
N ALA A 457 -12.01 -3.76 16.76
CA ALA A 457 -10.61 -3.96 17.25
C ALA A 457 -10.53 -4.47 18.71
N ARG A 458 -11.39 -3.96 19.59
CA ARG A 458 -11.37 -4.31 21.05
C ARG A 458 -11.75 -5.77 21.27
N SER A 459 -12.31 -6.43 20.26
CA SER A 459 -12.62 -7.88 20.39
C SER A 459 -11.28 -8.57 20.66
N ILE A 460 -10.20 -8.03 20.09
CA ILE A 460 -8.84 -8.57 20.37
C ILE A 460 -8.44 -8.09 21.76
N LYS A 461 -8.70 -6.82 22.08
CA LYS A 461 -8.39 -6.30 23.41
C LYS A 461 -8.96 -7.20 24.49
N HIS A 462 -10.11 -7.80 24.19
CA HIS A 462 -10.78 -8.66 25.15
C HIS A 462 -10.08 -10.00 25.32
N GLU A 463 -9.86 -10.71 24.22
CA GLU A 463 -9.42 -12.09 24.32
C GLU A 463 -8.03 -12.21 24.94
N VAL A 464 -7.13 -11.34 24.52
CA VAL A 464 -5.80 -11.27 25.11
C VAL A 464 -5.91 -11.06 26.62
N GLU A 465 -6.85 -10.22 27.03
CA GLU A 465 -7.08 -9.99 28.46
C GLU A 465 -7.68 -11.23 29.11
N ARG A 466 -8.52 -11.94 28.36
CA ARG A 466 -9.12 -13.17 28.88
C ARG A 466 -8.15 -14.35 28.82
N ARG A 467 -7.63 -14.63 27.63
CA ARG A 467 -6.84 -15.83 27.41
C ARG A 467 -5.38 -15.72 27.87
N VAL A 468 -4.95 -14.50 28.21
CA VAL A 468 -3.56 -14.31 28.64
C VAL A 468 -3.42 -13.56 29.97
N VAL A 469 -3.95 -12.34 30.03
CA VAL A 469 -3.77 -11.50 31.22
C VAL A 469 -4.45 -12.13 32.44
N ASN A 470 -5.55 -12.85 32.20
CA ASN A 470 -6.14 -13.67 33.26
C ASN A 470 -5.12 -14.63 33.82
N GLN A 471 -4.43 -15.34 32.94
CA GLN A 471 -3.42 -16.31 33.34
C GLN A 471 -2.27 -15.63 34.08
N LEU A 472 -1.87 -14.47 33.59
CA LEU A 472 -0.76 -13.72 34.19
C LEU A 472 -1.08 -13.28 35.61
N ALA A 473 -2.27 -12.71 35.80
CA ALA A 473 -2.69 -12.26 37.12
C ALA A 473 -2.94 -13.45 38.05
N ALA A 474 -3.48 -14.52 37.48
CA ALA A 474 -3.72 -15.74 38.25
C ALA A 474 -2.41 -16.28 38.80
N ALA A 475 -1.39 -16.36 37.94
CA ALA A 475 -0.09 -16.85 38.34
C ALA A 475 0.58 -15.93 39.34
N PHE A 476 0.50 -14.62 39.08
CA PHE A 476 1.17 -13.64 39.95
C PHE A 476 0.55 -13.65 41.35
N GLU A 477 -0.78 -13.78 41.41
CA GLU A 477 -1.48 -13.97 42.67
C GLU A 477 -0.86 -15.10 43.47
N GLN A 478 -0.75 -16.25 42.82
CA GLN A 478 -0.29 -17.49 43.45
C GLN A 478 1.20 -17.48 43.72
N GLU A 479 1.87 -16.40 43.32
CA GLU A 479 3.33 -16.29 43.43
C GLU A 479 4.01 -17.39 42.64
N LEU A 480 3.54 -17.58 41.41
CA LEU A 480 4.11 -18.57 40.49
C LEU A 480 4.95 -17.83 39.46
N LEU A 481 4.83 -16.49 39.48
CA LEU A 481 5.56 -15.62 38.52
C LEU A 481 6.67 -14.87 39.28
N PRO A 482 7.88 -15.45 39.52
CA PRO A 482 8.94 -14.79 40.28
C PRO A 482 9.52 -13.56 39.57
N LYS A 483 10.03 -12.63 40.38
CA LYS A 483 10.71 -11.45 39.86
C LYS A 483 11.86 -11.85 38.94
N GLY A 484 11.90 -11.27 37.75
CA GLY A 484 12.99 -11.50 36.83
C GLY A 484 12.97 -12.84 36.13
N CYS A 485 11.81 -13.50 36.11
CA CYS A 485 11.68 -14.77 35.41
C CYS A 485 11.47 -14.54 33.91
N THR A 486 11.10 -15.60 33.21
CA THR A 486 10.87 -15.51 31.77
C THR A 486 9.79 -16.52 31.35
N LEU A 487 8.81 -16.05 30.59
CA LEU A 487 7.66 -16.92 30.23
C LEU A 487 7.52 -17.06 28.71
N ARG A 488 7.26 -18.26 28.24
CA ARG A 488 6.97 -18.51 26.80
C ARG A 488 5.51 -18.94 26.64
N LEU A 489 4.74 -18.25 25.79
CA LEU A 489 3.33 -18.58 25.59
C LEU A 489 3.19 -19.65 24.48
N THR A 490 2.80 -20.86 24.90
CA THR A 490 2.74 -22.01 23.95
C THR A 490 1.31 -22.41 23.58
N VAL A 491 1.15 -23.01 22.41
CA VAL A 491 -0.12 -23.53 21.92
C VAL A 491 -0.08 -25.06 21.85
N ASP A 492 -0.83 -25.70 22.74
CA ASP A 492 -1.05 -27.13 22.73
C ASP A 492 -2.38 -27.48 22.05
N ARG A 493 -2.41 -28.61 21.36
CA ARG A 493 -3.62 -29.13 20.72
C ARG A 493 -3.73 -30.64 20.93
N ASP A 494 -4.87 -31.14 21.38
CA ASP A 494 -5.10 -32.58 21.53
C ASP A 494 -6.53 -32.94 21.19
N ALA A 501 -9.92 -28.57 20.72
CA ALA A 501 -9.82 -27.17 21.22
C ALA A 501 -8.37 -26.86 21.58
N PRO A 502 -7.68 -25.96 20.84
CA PRO A 502 -6.30 -25.59 21.16
C PRO A 502 -6.21 -24.89 22.53
N VAL A 503 -5.17 -25.21 23.31
CA VAL A 503 -5.00 -24.59 24.66
C VAL A 503 -3.72 -23.74 24.64
N LEU A 504 -3.82 -22.47 25.01
CA LEU A 504 -2.64 -21.57 25.06
C LEU A 504 -2.19 -21.48 26.53
N ARG A 505 -0.96 -21.90 26.84
CA ARG A 505 -0.51 -21.89 28.24
C ARG A 505 0.86 -21.24 28.42
N LEU A 506 1.14 -20.76 29.63
CA LEU A 506 2.45 -20.23 29.98
C LEU A 506 3.45 -21.34 30.30
N GLU A 507 4.74 -21.04 30.10
CA GLU A 507 5.80 -21.98 30.44
C GLU A 507 7.04 -21.23 30.91
N LEU A 508 7.40 -21.41 32.17
CA LEU A 508 8.58 -20.78 32.75
C LEU A 508 9.83 -21.50 32.29
N LEU A 509 10.95 -20.79 32.25
CA LEU A 509 12.20 -21.37 31.75
C LEU A 509 13.29 -21.34 32.83
P PO4 B . -12.02 2.92 16.87
O1 PO4 B . -10.93 3.96 17.03
O2 PO4 B . -12.89 3.27 15.65
O3 PO4 B . -11.40 1.54 16.66
O4 PO4 B . -12.90 2.90 18.12
#